data_3QD4
#
_entry.id   3QD4
#
_cell.length_a   124.315
_cell.length_b   124.315
_cell.length_c   47.017
_cell.angle_alpha   90.000
_cell.angle_beta   90.000
_cell.angle_gamma   120.000
#
_symmetry.space_group_name_H-M   'P 32 2 1'
#
loop_
_entity.id
_entity.type
_entity.pdbx_description
1 polymer '3-phosphoinositide-dependent protein kinase 1'
2 non-polymer 'tert-butyl {(3R,5R)-1-[2-amino-6-(3-amino-2H-indazol-6-yl)pyrimidin-4-yl]-5-methylpiperidin-3-yl}carbamate'
3 non-polymer 'SULFATE ION'
4 water water
#
_entity_poly.entity_id   1
_entity_poly.type   'polypeptide(L)'
_entity_poly.pdbx_seq_one_letter_code
;GPAMDGTAAEPRPGAGSLQHAQPPPQPRKKRPEDFKFGKILGEGSFSTVVLARELATSREYAIKILEKRHIIKENKVPYV
TRERDVMSRLDHPFFVKLYFTFQDDEKLYFGLSYAKNGELLKYIRKIGSFDETCTRFYTAEIVSALEYLHGKGIIHRDLK
PENILLNEDMHIQITDFGTAKVLSPESKQARAN(SEP)FVGTAQYVSPELLTEKSACKSSDLWALGCIIYQLVAGLPPFR
AGNEYLIFQKIIKLEYDFPEKFFPKARDLVEKLLVLDATKRLGCEEMEGYGPLKAHPFFESVTWENLHQQTPPKLT
;
_entity_poly.pdbx_strand_id   A
#
loop_
_chem_comp.id
_chem_comp.type
_chem_comp.name
_chem_comp.formula
3Q6 non-polymer 'tert-butyl {(3R,5R)-1-[2-amino-6-(3-amino-2H-indazol-6-yl)pyrimidin-4-yl]-5-methylpiperidin-3-yl}carbamate' 'C22 H30 N8 O2'
SO4 non-polymer 'SULFATE ION' 'O4 S -2'
#
# COMPACT_ATOMS: atom_id res chain seq x y z
N PRO A 24 -6.68 -4.05 31.63
CA PRO A 24 -7.92 -3.40 31.21
C PRO A 24 -8.75 -4.34 30.34
N PRO A 25 -9.91 -4.77 30.85
CA PRO A 25 -10.78 -5.71 30.13
C PRO A 25 -11.15 -5.23 28.72
N GLN A 26 -11.10 -6.15 27.75
CA GLN A 26 -11.52 -5.85 26.38
C GLN A 26 -12.95 -6.35 26.17
N PRO A 27 -13.60 -5.90 25.08
CA PRO A 27 -14.94 -6.43 24.77
C PRO A 27 -14.87 -7.93 24.47
N ARG A 28 -15.85 -8.72 24.94
CA ARG A 28 -15.83 -10.17 24.73
C ARG A 28 -15.64 -10.53 23.24
N LYS A 29 -15.15 -11.73 22.95
CA LYS A 29 -14.92 -12.12 21.56
C LYS A 29 -16.17 -11.97 20.72
N LYS A 30 -16.01 -11.41 19.52
CA LYS A 30 -17.11 -11.36 18.57
C LYS A 30 -17.25 -12.70 17.81
N ARG A 31 -18.33 -12.84 17.05
CA ARG A 31 -18.56 -14.06 16.29
C ARG A 31 -19.33 -13.74 14.99
N PRO A 32 -19.42 -14.71 14.07
CA PRO A 32 -20.07 -14.44 12.79
C PRO A 32 -21.49 -13.90 12.96
N GLU A 33 -22.25 -14.46 13.90
CA GLU A 33 -23.64 -14.06 14.07
C GLU A 33 -23.79 -12.62 14.54
N ASP A 34 -22.69 -12.00 14.98
CA ASP A 34 -22.73 -10.58 15.38
C ASP A 34 -22.78 -9.64 14.18
N PHE A 35 -22.65 -10.20 12.98
CA PHE A 35 -22.59 -9.39 11.78
C PHE A 35 -23.63 -9.78 10.74
N LYS A 36 -23.99 -8.81 9.91
CA LYS A 36 -24.70 -9.05 8.69
C LYS A 36 -23.69 -8.92 7.52
N PHE A 37 -23.38 -10.04 6.87
CA PHE A 37 -22.45 -9.99 5.75
C PHE A 37 -23.10 -9.55 4.43
N GLY A 38 -22.35 -8.75 3.67
CA GLY A 38 -22.78 -8.27 2.37
C GLY A 38 -21.81 -8.63 1.26
N LYS A 39 -21.47 -7.65 0.42
CA LYS A 39 -20.71 -7.91 -0.79
C LYS A 39 -19.24 -8.19 -0.56
N ILE A 40 -18.62 -8.80 -1.57
CA ILE A 40 -17.20 -9.06 -1.57
C ILE A 40 -16.46 -7.78 -1.92
N LEU A 41 -15.39 -7.51 -1.18
CA LEU A 41 -14.61 -6.28 -1.36
C LEU A 41 -13.27 -6.56 -2.02
N GLY A 42 -12.77 -7.77 -1.86
CA GLY A 42 -11.48 -8.14 -2.42
C GLY A 42 -11.27 -9.64 -2.37
N GLU A 43 -10.44 -10.14 -3.28
CA GLU A 43 -10.28 -11.57 -3.46
C GLU A 43 -8.85 -11.94 -3.78
N GLY A 44 -8.34 -12.93 -3.07
CA GLY A 44 -7.06 -13.54 -3.36
C GLY A 44 -7.33 -15.03 -3.35
N SER A 45 -6.33 -15.84 -3.67
CA SER A 45 -6.62 -17.27 -3.77
C SER A 45 -6.63 -17.97 -2.42
N PHE A 46 -6.30 -17.24 -1.35
CA PHE A 46 -6.28 -17.81 0.00
C PHE A 46 -7.19 -17.08 1.00
N SER A 47 -7.79 -15.98 0.59
CA SER A 47 -8.63 -15.21 1.49
C SER A 47 -9.58 -14.32 0.70
N THR A 48 -10.60 -13.83 1.39
CA THR A 48 -11.61 -13.01 0.76
C THR A 48 -12.01 -11.94 1.75
N VAL A 49 -12.12 -10.71 1.27
CA VAL A 49 -12.55 -9.62 2.14
C VAL A 49 -14.02 -9.31 1.88
N VAL A 50 -14.84 -9.40 2.93
CA VAL A 50 -16.28 -9.18 2.80
C VAL A 50 -16.74 -8.02 3.65
N LEU A 51 -17.64 -7.19 3.11
CA LEU A 51 -18.23 -6.10 3.86
C LEU A 51 -19.19 -6.69 4.89
N ALA A 52 -19.19 -6.15 6.10
CA ALA A 52 -20.03 -6.66 7.18
C ALA A 52 -20.48 -5.52 8.08
N ARG A 53 -21.73 -5.58 8.50
CA ARG A 53 -22.25 -4.60 9.43
C ARG A 53 -22.49 -5.25 10.79
N GLU A 54 -21.88 -4.68 11.82
CA GLU A 54 -22.04 -5.23 13.14
C GLU A 54 -23.44 -4.84 13.59
N LEU A 55 -24.22 -5.79 14.11
CA LEU A 55 -25.62 -5.52 14.41
C LEU A 55 -25.80 -4.64 15.64
N ALA A 56 -25.01 -4.91 16.67
CA ALA A 56 -25.08 -4.13 17.90
C ALA A 56 -24.74 -2.63 17.75
N THR A 57 -24.01 -2.26 16.69
CA THR A 57 -23.51 -0.90 16.57
C THR A 57 -23.85 -0.26 15.24
N SER A 58 -24.25 -1.08 14.27
CA SER A 58 -24.39 -0.69 12.86
C SER A 58 -23.09 -0.19 12.19
N ARG A 59 -21.94 -0.45 12.80
CA ARG A 59 -20.66 -0.10 12.17
C ARG A 59 -20.32 -1.03 11.01
N GLU A 60 -19.75 -0.49 9.95
CA GLU A 60 -19.25 -1.34 8.86
C GLU A 60 -17.78 -1.64 8.98
N TYR A 61 -17.45 -2.92 8.82
CA TYR A 61 -16.08 -3.40 8.82
C TYR A 61 -15.81 -4.19 7.55
N ALA A 62 -14.54 -4.23 7.15
CA ALA A 62 -14.10 -5.09 6.06
C ALA A 62 -13.51 -6.30 6.73
N ILE A 63 -14.26 -7.41 6.71
CA ILE A 63 -13.79 -8.60 7.38
C ILE A 63 -13.06 -9.53 6.40
N LYS A 64 -11.77 -9.77 6.67
CA LYS A 64 -11.04 -10.76 5.89
C LYS A 64 -11.33 -12.17 6.41
N ILE A 65 -11.79 -13.04 5.51
CA ILE A 65 -12.11 -14.41 5.88
C ILE A 65 -11.10 -15.38 5.25
N LEU A 66 -10.52 -16.21 6.10
CA LEU A 66 -9.50 -17.18 5.71
C LEU A 66 -9.85 -18.58 6.22
N GLU A 67 -9.85 -19.54 5.31
CA GLU A 67 -10.15 -20.92 5.69
C GLU A 67 -8.88 -21.58 6.23
N LYS A 68 -8.92 -21.97 7.50
CA LYS A 68 -7.73 -22.50 8.17
C LYS A 68 -7.07 -23.66 7.40
N ARG A 69 -7.89 -24.59 6.91
CA ARG A 69 -7.38 -25.80 6.26
C ARG A 69 -6.60 -25.47 4.99
N HIS A 70 -7.15 -24.57 4.19
CA HIS A 70 -6.49 -24.10 2.98
C HIS A 70 -5.15 -23.37 3.27
N ILE A 71 -5.12 -22.54 4.30
CA ILE A 71 -3.88 -21.85 4.68
C ILE A 71 -2.79 -22.79 5.21
N ILE A 72 -3.20 -23.78 6.00
CA ILE A 72 -2.28 -24.79 6.46
C ILE A 72 -1.75 -25.58 5.27
N LYS A 73 -2.67 -26.09 4.47
CA LYS A 73 -2.32 -26.83 3.26
C LYS A 73 -1.30 -26.08 2.40
N GLU A 74 -1.56 -24.80 2.13
CA GLU A 74 -0.71 -24.01 1.23
C GLU A 74 0.52 -23.41 1.91
N ASN A 75 0.76 -23.77 3.16
CA ASN A 75 1.87 -23.23 3.95
C ASN A 75 1.89 -21.70 4.06
N LYS A 76 0.74 -21.10 4.35
CA LYS A 76 0.66 -19.65 4.43
C LYS A 76 0.58 -19.12 5.87
N VAL A 77 0.66 -20.02 6.85
CA VAL A 77 0.51 -19.59 8.24
C VAL A 77 1.46 -18.44 8.63
N PRO A 78 2.71 -18.46 8.15
CA PRO A 78 3.60 -17.35 8.50
C PRO A 78 3.11 -16.00 7.95
N TYR A 79 2.49 -16.01 6.77
CA TYR A 79 1.98 -14.79 6.16
C TYR A 79 0.79 -14.20 6.89
N VAL A 80 -0.15 -15.07 7.27
CA VAL A 80 -1.31 -14.68 8.05
C VAL A 80 -0.98 -14.11 9.42
N THR A 81 -0.09 -14.79 10.12
CA THR A 81 0.41 -14.34 11.41
C THR A 81 1.10 -13.00 11.26
N ARG A 82 2.00 -12.93 10.28
CA ARG A 82 2.75 -11.73 9.98
C ARG A 82 1.80 -10.52 9.83
N GLU A 83 0.72 -10.70 9.06
CA GLU A 83 -0.22 -9.59 8.86
C GLU A 83 -0.98 -9.22 10.12
N ARG A 84 -1.37 -10.21 10.92
CA ARG A 84 -2.11 -9.95 12.14
C ARG A 84 -1.23 -9.15 13.08
N ASP A 85 0.01 -9.61 13.22
CA ASP A 85 1.01 -8.93 14.05
C ASP A 85 1.30 -7.50 13.60
N VAL A 86 1.53 -7.30 12.31
CA VAL A 86 1.84 -5.96 11.81
C VAL A 86 0.64 -5.02 11.91
N MET A 87 -0.49 -5.44 11.37
CA MET A 87 -1.67 -4.55 11.31
C MET A 87 -2.22 -4.18 12.70
N SER A 88 -1.79 -4.90 13.74
CA SER A 88 -2.22 -4.61 15.10
C SER A 88 -1.38 -3.49 15.72
N ARG A 89 -0.10 -3.48 15.40
CA ARG A 89 0.84 -2.48 15.90
C ARG A 89 0.77 -1.14 15.15
N LEU A 90 0.06 -1.10 14.04
CA LEU A 90 0.00 0.14 13.28
C LEU A 90 -1.09 1.04 13.85
N ASP A 91 -0.71 2.28 14.15
CA ASP A 91 -1.66 3.22 14.71
C ASP A 91 -1.54 4.58 14.04
N HIS A 92 -2.13 4.72 12.86
CA HIS A 92 -1.91 5.90 12.03
C HIS A 92 -3.01 5.98 10.98
N PRO A 93 -3.51 7.18 10.70
CA PRO A 93 -4.67 7.38 9.83
C PRO A 93 -4.50 6.84 8.39
N PHE A 94 -3.27 6.66 7.90
CA PHE A 94 -3.09 6.23 6.50
C PHE A 94 -2.97 4.73 6.36
N PHE A 95 -3.30 4.01 7.43
CA PHE A 95 -3.22 2.56 7.44
C PHE A 95 -4.53 1.96 7.90
N VAL A 96 -4.99 0.97 7.13
CA VAL A 96 -6.14 0.15 7.52
C VAL A 96 -5.79 -0.50 8.84
N LYS A 97 -6.75 -0.48 9.75
CA LYS A 97 -6.52 -0.94 11.11
C LYS A 97 -7.17 -2.30 11.35
N LEU A 98 -6.51 -3.16 12.12
CA LEU A 98 -7.13 -4.42 12.52
C LEU A 98 -7.78 -4.23 13.87
N TYR A 99 -9.11 -4.25 13.90
CA TYR A 99 -9.86 -3.95 15.10
C TYR A 99 -10.05 -5.15 16.02
N PHE A 100 -10.06 -6.34 15.42
CA PHE A 100 -10.39 -7.57 16.14
C PHE A 100 -10.22 -8.78 15.25
N THR A 101 -10.19 -9.93 15.89
CA THR A 101 -10.10 -11.21 15.22
C THR A 101 -10.97 -12.20 15.99
N PHE A 102 -11.47 -13.19 15.27
CA PHE A 102 -12.10 -14.32 15.92
C PHE A 102 -12.08 -15.44 14.93
N GLN A 103 -12.50 -16.62 15.35
CA GLN A 103 -12.56 -17.75 14.45
C GLN A 103 -13.71 -18.70 14.82
N ASP A 104 -14.17 -19.45 13.82
CA ASP A 104 -15.07 -20.57 14.07
C ASP A 104 -14.35 -21.89 13.71
N ASP A 105 -15.10 -22.98 13.63
CA ASP A 105 -14.53 -24.29 13.31
C ASP A 105 -13.60 -24.27 12.09
N GLU A 106 -14.02 -23.57 11.03
CA GLU A 106 -13.30 -23.66 9.78
C GLU A 106 -12.54 -22.38 9.40
N LYS A 107 -12.95 -21.25 9.95
CA LYS A 107 -12.47 -19.96 9.42
C LYS A 107 -11.88 -19.00 10.44
N LEU A 108 -10.88 -18.24 9.99
CA LEU A 108 -10.39 -17.06 10.69
C LEU A 108 -11.04 -15.79 10.14
N TYR A 109 -11.36 -14.87 11.04
CA TYR A 109 -11.92 -13.57 10.66
C TYR A 109 -11.04 -12.42 11.18
N PHE A 110 -10.68 -11.51 10.29
CA PHE A 110 -9.99 -10.28 10.67
C PHE A 110 -10.90 -9.07 10.42
N GLY A 111 -11.23 -8.35 11.48
CA GLY A 111 -12.03 -7.15 11.32
C GLY A 111 -11.15 -5.95 10.98
N LEU A 112 -11.26 -5.46 9.76
CA LEU A 112 -10.43 -4.37 9.26
C LEU A 112 -11.23 -3.10 9.02
N SER A 113 -10.51 -1.98 8.99
CA SER A 113 -11.11 -0.72 8.55
C SER A 113 -11.80 -0.89 7.19
N TYR A 114 -12.99 -0.30 7.06
CA TYR A 114 -13.67 -0.28 5.79
C TYR A 114 -13.35 1.01 5.03
N ALA A 115 -12.59 0.89 3.94
CA ALA A 115 -12.27 2.03 3.10
C ALA A 115 -13.31 2.14 2.00
N LYS A 116 -14.30 3.01 2.22
CA LYS A 116 -15.51 3.03 1.38
C LYS A 116 -15.27 3.28 -0.11
N ASN A 117 -14.28 4.10 -0.45
CA ASN A 117 -14.04 4.40 -1.87
C ASN A 117 -13.12 3.44 -2.63
N GLY A 118 -12.72 2.35 -1.99
CA GLY A 118 -12.00 1.28 -2.67
C GLY A 118 -10.58 1.63 -3.09
N GLU A 119 -10.13 1.02 -4.18
CA GLU A 119 -8.72 1.06 -4.60
C GLU A 119 -8.35 2.36 -5.28
N LEU A 120 -7.13 2.82 -5.02
CA LEU A 120 -6.55 3.91 -5.77
C LEU A 120 -6.47 3.56 -7.27
N LEU A 121 -6.25 2.28 -7.57
CA LEU A 121 -6.22 1.80 -8.96
C LEU A 121 -7.50 2.15 -9.72
N LYS A 122 -8.64 2.05 -9.04
CA LYS A 122 -9.90 2.36 -9.67
C LYS A 122 -9.94 3.81 -10.14
N TYR A 123 -9.55 4.74 -9.27
CA TYR A 123 -9.51 6.16 -9.66
C TYR A 123 -8.53 6.48 -10.77
N ILE A 124 -7.37 5.82 -10.78
CA ILE A 124 -6.45 5.97 -11.90
C ILE A 124 -7.16 5.60 -13.21
N ARG A 125 -7.75 4.41 -13.26
CA ARG A 125 -8.48 3.96 -14.46
C ARG A 125 -9.65 4.90 -14.80
N LYS A 126 -10.30 5.42 -13.78
CA LYS A 126 -11.50 6.23 -13.96
C LYS A 126 -11.20 7.56 -14.66
N ILE A 127 -10.21 8.28 -14.16
CA ILE A 127 -9.95 9.62 -14.67
C ILE A 127 -8.74 9.70 -15.59
N GLY A 128 -8.05 8.57 -15.79
CA GLY A 128 -6.96 8.52 -16.74
C GLY A 128 -5.58 8.74 -16.14
N SER A 129 -5.37 9.93 -15.59
CA SER A 129 -4.11 10.29 -14.99
C SER A 129 -4.35 11.55 -14.21
N PHE A 130 -3.66 11.72 -13.08
CA PHE A 130 -3.94 12.84 -12.17
C PHE A 130 -3.31 14.17 -12.62
N ASP A 131 -3.94 15.28 -12.28
CA ASP A 131 -3.30 16.58 -12.47
C ASP A 131 -2.23 16.76 -11.39
N GLU A 132 -1.41 17.80 -11.51
CA GLU A 132 -0.29 17.98 -10.61
C GLU A 132 -0.70 18.19 -9.15
N THR A 133 -1.85 18.83 -8.94
CA THR A 133 -2.34 19.12 -7.59
C THR A 133 -2.69 17.82 -6.86
N CYS A 134 -3.41 16.93 -7.53
CA CYS A 134 -3.81 15.65 -6.95
C CYS A 134 -2.63 14.68 -6.82
N THR A 135 -1.83 14.56 -7.86
CA THR A 135 -0.57 13.81 -7.78
C THR A 135 0.24 14.21 -6.57
N ARG A 136 0.42 15.53 -6.39
CA ARG A 136 1.22 16.05 -5.30
C ARG A 136 0.63 15.62 -3.95
N PHE A 137 -0.68 15.84 -3.77
CA PHE A 137 -1.32 15.54 -2.50
C PHE A 137 -1.27 14.03 -2.16
N TYR A 138 -1.63 13.17 -3.11
CA TYR A 138 -1.65 11.75 -2.83
C TYR A 138 -0.25 11.17 -2.68
N THR A 139 0.70 11.69 -3.45
CA THR A 139 2.08 11.27 -3.25
C THR A 139 2.52 11.63 -1.84
N ALA A 140 2.21 12.87 -1.46
CA ALA A 140 2.58 13.34 -0.14
C ALA A 140 2.01 12.44 0.95
N GLU A 141 0.75 12.01 0.82
CA GLU A 141 0.17 11.13 1.83
C GLU A 141 0.91 9.79 1.89
N ILE A 142 1.15 9.22 0.71
CA ILE A 142 1.89 7.97 0.62
C ILE A 142 3.27 8.06 1.28
N VAL A 143 4.00 9.13 0.98
CA VAL A 143 5.32 9.35 1.53
C VAL A 143 5.25 9.43 3.05
N SER A 144 4.22 10.12 3.53
CA SER A 144 4.03 10.33 4.95
C SER A 144 3.67 9.00 5.66
N ALA A 145 2.94 8.14 4.96
CA ALA A 145 2.63 6.81 5.50
C ALA A 145 3.89 5.92 5.55
N LEU A 146 4.69 5.94 4.50
CA LEU A 146 5.92 5.16 4.48
C LEU A 146 6.90 5.61 5.56
N GLU A 147 6.99 6.92 5.77
CA GLU A 147 7.85 7.42 6.82
C GLU A 147 7.47 6.82 8.17
N TYR A 148 6.18 6.79 8.46
CA TYR A 148 5.68 6.17 9.68
C TYR A 148 6.05 4.68 9.73
N LEU A 149 5.73 3.98 8.65
CA LEU A 149 5.95 2.54 8.57
C LEU A 149 7.41 2.20 8.75
N HIS A 150 8.25 2.87 7.95
CA HIS A 150 9.67 2.63 8.01
C HIS A 150 10.21 3.02 9.39
N GLY A 151 9.60 4.04 9.98
CA GLY A 151 9.92 4.43 11.34
C GLY A 151 9.73 3.29 12.33
N LYS A 152 8.83 2.36 12.02
CA LYS A 152 8.54 1.23 12.92
C LYS A 152 9.42 0.04 12.57
N GLY A 153 10.36 0.24 11.66
CA GLY A 153 11.20 -0.86 11.20
C GLY A 153 10.42 -1.89 10.40
N ILE A 154 9.39 -1.44 9.68
CA ILE A 154 8.59 -2.34 8.85
C ILE A 154 8.64 -1.96 7.39
N ILE A 155 8.81 -2.96 6.54
CA ILE A 155 8.86 -2.79 5.10
C ILE A 155 7.64 -3.46 4.47
N HIS A 156 6.94 -2.76 3.58
CA HIS A 156 5.71 -3.32 3.00
C HIS A 156 5.98 -4.51 2.05
N ARG A 157 6.88 -4.29 1.09
CA ARG A 157 7.31 -5.30 0.10
C ARG A 157 6.34 -5.58 -1.04
N ASP A 158 5.13 -5.01 -0.98
CA ASP A 158 4.19 -5.26 -2.06
C ASP A 158 3.27 -4.06 -2.27
N LEU A 159 3.84 -2.87 -2.11
CA LEU A 159 3.10 -1.63 -2.26
C LEU A 159 2.63 -1.44 -3.69
N LYS A 160 1.36 -1.04 -3.86
CA LYS A 160 0.78 -0.90 -5.20
C LYS A 160 -0.60 -0.24 -5.12
N PRO A 161 -1.07 0.32 -6.24
CA PRO A 161 -2.35 1.05 -6.23
C PRO A 161 -3.53 0.16 -5.80
N GLU A 162 -3.35 -1.15 -5.90
CA GLU A 162 -4.41 -2.07 -5.52
C GLU A 162 -4.60 -2.11 -4.01
N ASN A 163 -3.53 -1.90 -3.25
CA ASN A 163 -3.64 -2.00 -1.79
C ASN A 163 -3.39 -0.66 -1.12
N ILE A 164 -3.46 0.38 -1.94
CA ILE A 164 -3.55 1.74 -1.43
C ILE A 164 -5.00 2.15 -1.60
N LEU A 165 -5.76 2.09 -0.51
CA LEU A 165 -7.19 2.27 -0.57
C LEU A 165 -7.57 3.68 -0.22
N LEU A 166 -8.82 4.02 -0.50
CA LEU A 166 -9.32 5.35 -0.22
C LEU A 166 -10.51 5.31 0.73
N ASN A 167 -10.44 6.13 1.78
CA ASN A 167 -11.52 6.23 2.75
C ASN A 167 -12.69 7.01 2.18
N GLU A 168 -13.78 7.05 2.92
CA GLU A 168 -14.95 7.85 2.58
C GLU A 168 -14.58 9.33 2.39
N ASP A 169 -13.60 9.79 3.16
CA ASP A 169 -13.14 11.18 3.09
C ASP A 169 -12.09 11.40 2.01
N MET A 170 -11.75 10.34 1.27
CA MET A 170 -10.81 10.38 0.13
C MET A 170 -9.32 10.51 0.52
N HIS A 171 -9.04 10.27 1.79
CA HIS A 171 -7.67 10.05 2.27
C HIS A 171 -7.24 8.58 2.11
N ILE A 172 -5.94 8.36 1.97
CA ILE A 172 -5.48 7.00 1.70
C ILE A 172 -5.57 6.11 2.92
N GLN A 173 -5.72 4.83 2.67
CA GLN A 173 -5.57 3.83 3.71
C GLN A 173 -4.87 2.61 3.14
N ILE A 174 -3.62 2.42 3.53
CA ILE A 174 -2.83 1.32 3.00
C ILE A 174 -3.13 0.01 3.71
N THR A 175 -3.18 -1.08 2.95
CA THR A 175 -3.52 -2.39 3.51
C THR A 175 -2.62 -3.51 2.96
N ASP A 176 -2.94 -4.76 3.30
CA ASP A 176 -2.32 -5.96 2.70
C ASP A 176 -0.86 -6.18 3.17
N PHE A 177 -0.74 -6.67 4.41
CA PHE A 177 0.54 -6.75 5.10
C PHE A 177 1.14 -8.15 5.32
N GLY A 178 0.56 -9.18 4.70
CA GLY A 178 1.01 -10.53 4.99
C GLY A 178 2.45 -10.74 4.55
N THR A 179 2.86 -10.02 3.52
CA THR A 179 4.20 -10.15 2.93
C THR A 179 5.14 -9.06 3.43
N ALA A 180 4.74 -8.36 4.47
CA ALA A 180 5.61 -7.33 5.04
C ALA A 180 6.79 -8.01 5.70
N LYS A 181 7.86 -7.25 5.91
CA LYS A 181 9.00 -7.75 6.66
C LYS A 181 9.27 -6.85 7.84
N VAL A 182 9.48 -7.45 9.00
CA VAL A 182 9.84 -6.72 10.21
C VAL A 182 11.35 -6.85 10.39
N LEU A 183 12.05 -5.71 10.42
CA LEU A 183 13.50 -5.70 10.62
C LEU A 183 13.88 -5.80 12.10
N SER A 184 15.01 -6.48 12.38
CA SER A 184 15.63 -6.48 13.71
C SER A 184 16.84 -7.41 13.76
N GLY A 197 7.15 -9.82 -5.01
CA GLY A 197 5.95 -8.99 -5.02
C GLY A 197 5.23 -8.97 -6.36
N THR A 198 4.51 -7.89 -6.64
CA THR A 198 3.77 -7.73 -7.88
C THR A 198 4.65 -7.22 -9.03
N ALA A 199 4.71 -7.98 -10.11
CA ALA A 199 5.69 -7.81 -11.20
C ALA A 199 6.08 -6.37 -11.51
N GLN A 200 5.09 -5.55 -11.82
CA GLN A 200 5.33 -4.18 -12.29
C GLN A 200 6.02 -3.26 -11.27
N TYR A 201 5.91 -3.58 -9.98
CA TYR A 201 6.45 -2.71 -8.93
C TYR A 201 7.70 -3.29 -8.23
N VAL A 202 8.12 -4.49 -8.64
CA VAL A 202 9.28 -5.16 -8.07
C VAL A 202 10.59 -4.38 -8.30
N SER A 203 11.40 -4.26 -7.24
CA SER A 203 12.68 -3.57 -7.32
C SER A 203 13.74 -4.49 -7.93
N PRO A 204 14.79 -3.89 -8.52
CA PRO A 204 15.83 -4.67 -9.17
C PRO A 204 16.58 -5.56 -8.18
N GLU A 205 16.77 -5.11 -6.96
CA GLU A 205 17.46 -5.93 -5.96
C GLU A 205 16.72 -7.25 -5.74
N LEU A 206 15.40 -7.24 -5.92
CA LEU A 206 14.62 -8.47 -5.76
C LEU A 206 14.87 -9.47 -6.90
N LEU A 207 15.38 -8.98 -8.03
CA LEU A 207 15.63 -9.81 -9.19
C LEU A 207 17.10 -10.20 -9.32
N THR A 208 17.96 -9.53 -8.56
CA THR A 208 19.40 -9.68 -8.72
C THR A 208 20.08 -10.04 -7.40
N GLU A 209 19.37 -10.70 -6.50
CA GLU A 209 19.89 -10.91 -5.15
C GLU A 209 18.86 -11.47 -4.19
N LYS A 210 17.59 -11.14 -4.43
CA LYS A 210 16.49 -11.68 -3.64
C LYS A 210 16.50 -11.15 -2.20
N SER A 211 16.88 -9.90 -2.01
CA SER A 211 16.86 -9.30 -0.66
C SER A 211 16.38 -7.84 -0.62
N ALA A 212 15.27 -7.61 0.09
CA ALA A 212 14.65 -6.28 0.13
C ALA A 212 14.96 -5.45 1.38
N CYS A 213 14.75 -4.14 1.25
CA CYS A 213 15.01 -3.20 2.32
C CYS A 213 13.98 -2.09 2.18
N LYS A 214 14.10 -1.04 2.98
CA LYS A 214 13.17 0.08 2.90
C LYS A 214 13.12 0.68 1.50
N SER A 215 14.27 0.74 0.84
CA SER A 215 14.37 1.30 -0.51
C SER A 215 13.52 0.54 -1.51
N SER A 216 13.16 -0.70 -1.18
CA SER A 216 12.27 -1.44 -2.04
C SER A 216 10.93 -0.71 -2.10
N ASP A 217 10.44 -0.26 -0.95
CA ASP A 217 9.20 0.51 -0.91
C ASP A 217 9.29 1.83 -1.69
N LEU A 218 10.47 2.46 -1.67
CA LEU A 218 10.72 3.74 -2.33
C LEU A 218 10.73 3.60 -3.85
N TRP A 219 11.30 2.49 -4.31
CA TRP A 219 11.18 2.07 -5.69
C TRP A 219 9.71 1.92 -6.08
N ALA A 220 8.96 1.14 -5.29
CA ALA A 220 7.53 0.99 -5.54
C ALA A 220 6.85 2.38 -5.63
N LEU A 221 7.21 3.27 -4.71
CA LEU A 221 6.69 4.65 -4.71
C LEU A 221 7.01 5.40 -6.02
N GLY A 222 8.23 5.26 -6.52
CA GLY A 222 8.60 5.88 -7.79
C GLY A 222 7.73 5.35 -8.92
N CYS A 223 7.42 4.06 -8.90
CA CYS A 223 6.51 3.48 -9.90
C CYS A 223 5.09 4.05 -9.80
N ILE A 224 4.63 4.24 -8.57
CA ILE A 224 3.26 4.69 -8.34
C ILE A 224 3.08 6.16 -8.72
N ILE A 225 4.05 6.99 -8.37
CA ILE A 225 4.06 8.37 -8.84
C ILE A 225 4.02 8.39 -10.36
N TYR A 226 4.90 7.62 -10.99
CA TYR A 226 4.91 7.55 -12.45
C TYR A 226 3.50 7.24 -12.97
N GLN A 227 2.84 6.29 -12.34
CA GLN A 227 1.53 5.83 -12.78
C GLN A 227 0.43 6.87 -12.57
N LEU A 228 0.56 7.72 -11.55
CA LEU A 228 -0.47 8.73 -11.31
C LEU A 228 -0.39 9.77 -12.40
N VAL A 229 0.84 10.10 -12.80
CA VAL A 229 1.08 11.16 -13.76
C VAL A 229 0.81 10.72 -15.19
N ALA A 230 1.40 9.60 -15.58
CA ALA A 230 1.30 9.06 -16.94
C ALA A 230 0.02 8.28 -17.17
N GLY A 231 -0.54 7.70 -16.10
CA GLY A 231 -1.70 6.83 -16.22
C GLY A 231 -1.34 5.35 -16.33
N LEU A 232 -0.05 5.08 -16.47
CA LEU A 232 0.42 3.70 -16.64
C LEU A 232 1.68 3.44 -15.81
N PRO A 233 1.91 2.17 -15.42
CA PRO A 233 3.16 1.85 -14.73
C PRO A 233 4.34 2.02 -15.70
N PRO A 234 5.52 2.38 -15.19
CA PRO A 234 6.73 2.63 -15.99
C PRO A 234 7.23 1.40 -16.77
N PHE A 235 7.20 0.24 -16.14
CA PHE A 235 7.68 -0.97 -16.79
C PHE A 235 6.52 -1.86 -17.26
N ARG A 236 6.27 -1.85 -18.57
CA ARG A 236 5.19 -2.61 -19.20
C ARG A 236 5.77 -3.52 -20.27
N ALA A 237 5.19 -4.69 -20.44
CA ALA A 237 5.62 -5.60 -21.50
C ALA A 237 4.61 -6.72 -21.66
N GLY A 238 4.84 -7.59 -22.64
CA GLY A 238 3.89 -8.67 -22.90
C GLY A 238 3.71 -9.68 -21.77
N ASN A 239 4.76 -9.90 -20.99
CA ASN A 239 4.72 -10.90 -19.92
C ASN A 239 5.66 -10.56 -18.79
N GLU A 240 5.63 -11.35 -17.72
CA GLU A 240 6.46 -11.09 -16.55
C GLU A 240 7.95 -11.09 -16.85
N TYR A 241 8.42 -12.06 -17.63
CA TYR A 241 9.83 -12.13 -17.93
C TYR A 241 10.30 -10.82 -18.56
N LEU A 242 9.55 -10.36 -19.56
CA LEU A 242 9.92 -9.14 -20.26
C LEU A 242 9.88 -7.92 -19.33
N ILE A 243 8.92 -7.92 -18.40
CA ILE A 243 8.84 -6.82 -17.45
C ILE A 243 10.08 -6.78 -16.58
N PHE A 244 10.48 -7.94 -16.05
CA PHE A 244 11.68 -8.03 -15.22
C PHE A 244 12.93 -7.60 -15.98
N GLN A 245 12.99 -8.01 -17.24
CA GLN A 245 14.12 -7.68 -18.07
C GLN A 245 14.25 -6.17 -18.18
N LYS A 246 13.13 -5.47 -18.33
CA LYS A 246 13.15 -4.01 -18.36
C LYS A 246 13.59 -3.39 -17.02
N ILE A 247 13.11 -3.93 -15.91
CA ILE A 247 13.50 -3.39 -14.61
C ILE A 247 15.01 -3.38 -14.42
N ILE A 248 15.65 -4.54 -14.57
CA ILE A 248 17.10 -4.63 -14.34
C ILE A 248 17.92 -3.74 -15.30
N LYS A 249 17.36 -3.45 -16.48
CA LYS A 249 18.04 -2.55 -17.43
C LYS A 249 17.64 -1.10 -17.20
N LEU A 250 16.70 -0.88 -16.28
CA LEU A 250 16.12 0.44 -16.04
C LEU A 250 15.56 1.00 -17.34
N GLU A 251 14.88 0.14 -18.09
CA GLU A 251 14.37 0.51 -19.39
C GLU A 251 12.93 1.04 -19.32
N TYR A 252 12.80 2.37 -19.38
CA TYR A 252 11.50 3.02 -19.31
C TYR A 252 11.73 4.47 -19.71
N ASP A 253 10.66 5.21 -19.95
CA ASP A 253 10.83 6.63 -20.27
C ASP A 253 9.59 7.47 -20.00
N PHE A 254 9.77 8.79 -20.00
CA PHE A 254 8.69 9.71 -19.63
C PHE A 254 7.92 10.22 -20.84
N PRO A 255 6.59 10.30 -20.71
CA PRO A 255 5.81 10.99 -21.74
C PRO A 255 6.29 12.44 -21.81
N GLU A 256 6.14 13.08 -22.97
CA GLU A 256 6.46 14.48 -23.07
C GLU A 256 5.67 15.27 -22.03
N LYS A 257 4.38 14.97 -21.92
CA LYS A 257 3.56 15.62 -20.91
C LYS A 257 3.74 14.91 -19.56
N PHE A 258 4.66 15.44 -18.76
CA PHE A 258 4.98 14.87 -17.46
C PHE A 258 5.60 15.97 -16.60
N PHE A 259 4.90 16.36 -15.54
CA PHE A 259 5.36 17.44 -14.68
C PHE A 259 6.86 17.31 -14.41
N PRO A 260 7.64 18.29 -14.86
CA PRO A 260 9.10 18.33 -14.78
C PRO A 260 9.66 17.97 -13.40
N LYS A 261 9.10 18.53 -12.35
CA LYS A 261 9.58 18.27 -11.00
C LYS A 261 9.18 16.88 -10.53
N ALA A 262 8.04 16.39 -11.02
CA ALA A 262 7.64 15.03 -10.76
C ALA A 262 8.59 14.09 -11.48
N ARG A 263 9.02 14.47 -12.69
CA ARG A 263 9.98 13.66 -13.43
C ARG A 263 11.29 13.58 -12.66
N ASP A 264 11.78 14.72 -12.20
CA ASP A 264 13.01 14.74 -11.41
C ASP A 264 12.91 13.84 -10.17
N LEU A 265 11.83 13.96 -9.41
CA LEU A 265 11.61 13.10 -8.23
C LEU A 265 11.60 11.61 -8.60
N VAL A 266 10.86 11.26 -9.64
CA VAL A 266 10.81 9.88 -10.06
C VAL A 266 12.20 9.35 -10.38
N GLU A 267 13.00 10.18 -11.06
CA GLU A 267 14.36 9.78 -11.42
C GLU A 267 15.27 9.64 -10.20
N LYS A 268 14.86 10.18 -9.05
CA LYS A 268 15.69 10.02 -7.86
C LYS A 268 15.22 8.83 -7.03
N LEU A 269 14.09 8.25 -7.43
CA LEU A 269 13.56 7.05 -6.80
C LEU A 269 13.85 5.80 -7.61
N LEU A 270 13.68 5.89 -8.92
CA LEU A 270 13.93 4.77 -9.81
C LEU A 270 15.42 4.72 -10.18
N VAL A 271 16.21 4.22 -9.24
CA VAL A 271 17.66 4.14 -9.36
C VAL A 271 18.09 2.70 -9.06
N LEU A 272 18.86 2.08 -9.95
CA LEU A 272 19.26 0.69 -9.73
C LEU A 272 19.92 0.48 -8.36
N ASP A 273 20.83 1.37 -7.99
CA ASP A 273 21.49 1.27 -6.69
C ASP A 273 20.52 1.62 -5.57
N ALA A 274 20.15 0.62 -4.79
CA ALA A 274 19.18 0.80 -3.71
C ALA A 274 19.60 1.84 -2.68
N THR A 275 20.91 1.97 -2.46
CA THR A 275 21.43 2.89 -1.46
C THR A 275 21.39 4.34 -1.92
N LYS A 276 20.96 4.57 -3.16
CA LYS A 276 20.98 5.92 -3.72
C LYS A 276 19.59 6.44 -4.04
N ARG A 277 18.56 5.78 -3.52
CA ARG A 277 17.20 6.27 -3.67
C ARG A 277 16.87 7.32 -2.62
N LEU A 278 16.39 8.47 -3.07
CA LEU A 278 15.95 9.52 -2.17
C LEU A 278 15.00 8.95 -1.12
N GLY A 279 15.26 9.25 0.15
CA GLY A 279 14.44 8.76 1.24
C GLY A 279 15.02 7.60 2.03
N CYS A 280 16.01 6.91 1.47
CA CYS A 280 16.60 5.79 2.19
C CYS A 280 17.64 6.28 3.18
N GLU A 281 17.95 5.44 4.16
CA GLU A 281 18.85 5.76 5.25
C GLU A 281 20.21 6.29 4.79
N GLU A 282 20.77 5.70 3.73
CA GLU A 282 22.07 6.14 3.21
C GLU A 282 21.99 7.49 2.49
N MET A 283 20.77 7.97 2.25
CA MET A 283 20.57 9.29 1.65
C MET A 283 19.99 10.18 2.73
N GLU A 284 20.11 9.71 3.95
CA GLU A 284 19.74 10.46 5.16
C GLU A 284 18.23 10.64 5.33
N GLY A 285 17.45 9.69 4.80
CA GLY A 285 16.06 9.57 5.20
C GLY A 285 15.03 10.49 4.56
N TYR A 286 14.00 10.79 5.34
CA TYR A 286 12.81 11.44 4.83
C TYR A 286 12.88 12.96 4.72
N GLY A 287 13.79 13.59 5.48
CA GLY A 287 14.05 15.01 5.31
C GLY A 287 14.31 15.40 3.86
N PRO A 288 15.40 14.88 3.27
CA PRO A 288 15.66 15.24 1.88
C PRO A 288 14.51 14.89 0.93
N LEU A 289 13.80 13.79 1.17
CA LEU A 289 12.66 13.41 0.33
C LEU A 289 11.53 14.43 0.39
N LYS A 290 11.11 14.76 1.60
CA LYS A 290 10.05 15.76 1.82
C LYS A 290 10.47 17.15 1.36
N ALA A 291 11.77 17.39 1.27
CA ALA A 291 12.24 18.72 0.89
C ALA A 291 12.34 18.87 -0.63
N HIS A 292 12.05 17.81 -1.37
CA HIS A 292 12.10 17.88 -2.83
C HIS A 292 11.15 18.94 -3.39
N PRO A 293 11.61 19.69 -4.41
CA PRO A 293 10.83 20.80 -5.00
C PRO A 293 9.44 20.42 -5.46
N PHE A 294 9.23 19.17 -5.89
CA PHE A 294 7.89 18.71 -6.25
C PHE A 294 6.88 18.91 -5.12
N PHE A 295 7.34 18.81 -3.87
CA PHE A 295 6.50 18.96 -2.69
C PHE A 295 6.53 20.35 -2.06
N GLU A 296 6.84 21.37 -2.84
CA GLU A 296 7.15 22.69 -2.26
C GLU A 296 5.99 23.25 -1.44
N SER A 297 4.77 23.05 -1.93
CA SER A 297 3.59 23.65 -1.32
C SER A 297 2.89 22.73 -0.31
N VAL A 298 3.53 21.62 0.05
CA VAL A 298 2.88 20.66 0.94
C VAL A 298 3.09 21.02 2.42
N THR A 299 2.04 20.90 3.21
CA THR A 299 2.16 20.98 4.66
C THR A 299 2.15 19.56 5.22
N TRP A 300 3.30 19.10 5.72
CA TRP A 300 3.49 17.68 6.07
C TRP A 300 2.88 17.23 7.39
N GLU A 301 2.55 18.19 8.25
CA GLU A 301 2.18 17.89 9.64
C GLU A 301 0.75 17.36 9.84
N ASN A 302 -0.17 17.74 8.97
CA ASN A 302 -1.59 17.46 9.24
C ASN A 302 -2.35 17.01 8.01
N LEU A 303 -1.69 16.30 7.11
CA LEU A 303 -2.25 15.88 5.84
C LEU A 303 -3.65 15.26 5.90
N HIS A 304 -3.88 14.40 6.89
CA HIS A 304 -5.18 13.73 6.95
C HIS A 304 -6.32 14.67 7.41
N GLN A 305 -5.96 15.86 7.88
CA GLN A 305 -6.93 16.88 8.27
C GLN A 305 -7.21 17.85 7.14
N GLN A 306 -6.34 17.87 6.13
CA GLN A 306 -6.56 18.74 4.98
C GLN A 306 -7.65 18.15 4.08
N THR A 307 -8.37 19.00 3.37
CA THR A 307 -9.37 18.55 2.42
C THR A 307 -8.66 18.13 1.13
N PRO A 308 -8.82 16.86 0.70
CA PRO A 308 -8.15 16.41 -0.53
C PRO A 308 -8.63 17.18 -1.77
N PRO A 309 -7.73 17.35 -2.75
CA PRO A 309 -8.11 17.92 -4.04
C PRO A 309 -9.16 17.07 -4.72
N LYS A 310 -10.16 17.71 -5.33
CA LYS A 310 -11.21 17.00 -6.04
C LYS A 310 -10.64 16.28 -7.26
N LEU A 311 -11.08 15.05 -7.50
CA LEU A 311 -10.68 14.30 -8.69
C LEU A 311 -11.68 14.47 -9.83
C1 3Q6 B . -10.47 -4.05 0.43
C2 3Q6 B . -9.42 -4.94 0.59
C3 3Q6 B . -9.09 -4.34 2.87
C4 3Q6 B . -7.18 -6.88 0.98
C5 3Q6 B . -10.82 -3.29 1.53
C6 3Q6 B . -8.73 -5.10 1.78
C7 3Q6 B . -10.13 -3.46 2.71
C8 3Q6 B . -7.60 -5.99 1.94
C9 3Q6 B . -6.11 -7.68 1.30
C10 3Q6 B . -11.80 -2.28 1.84
C11 3Q6 B . -5.95 -6.75 3.37
C12 3Q6 B . -3.87 -12.42 1.69
C13 3Q6 B . -5.61 -10.88 -1.06
C14 3Q6 B . -6.05 -8.39 -1.03
C15 3Q6 B . -4.45 -9.34 0.59
C16 3Q6 B . -6.61 -9.76 -1.39
C17 3Q6 B . -4.98 -10.74 0.33
C18 3Q6 B . -7.90 -9.97 -0.64
C19 3Q6 B . -3.46 -15.10 2.83
C20 3Q6 B . -1.09 -14.66 2.27
C21 3Q6 B . -2.15 -13.32 4.01
C22 3Q6 B . -2.39 -14.04 2.70
N23 3Q6 B . -6.98 -5.91 3.14
N24 3Q6 B . -5.50 -7.64 2.49
N25 3Q6 B . -11.70 -1.86 3.11
N26 3Q6 B . -10.69 -2.60 3.62
N27 3Q6 B . -5.70 -8.64 0.35
N28 3Q6 B . -12.70 -1.80 0.95
N29 3Q6 B . -5.31 -6.68 4.61
N30 3Q6 B . -3.97 -11.74 0.51
O31 3Q6 B . -4.67 -12.42 2.62
O32 3Q6 B . -2.70 -13.12 1.64
S SO4 C . -8.71 8.61 12.07
O1 SO4 C . -9.67 9.55 11.48
O2 SO4 C . -7.59 9.38 12.60
O3 SO4 C . -9.36 7.86 13.15
O4 SO4 C . -8.23 7.66 11.05
#